data_8U5Z
#
_entry.id   8U5Z
#
_cell.length_a   36.980
_cell.length_b   181.080
_cell.length_c   107.446
_cell.angle_alpha   90.000
_cell.angle_beta   90.000
_cell.angle_gamma   90.000
#
_symmetry.space_group_name_H-M   'C 2 2 21'
#
loop_
_entity.id
_entity.type
_entity.pdbx_description
1 polymer 'Mango II variant'
2 non-polymer 'POTASSIUM ION'
3 non-polymer 'SODIUM ION'
4 non-polymer 2-[(E)-(1,7-dimethylquinolin-4(1H)-ylidene)methyl]-3-{2,16-dioxo-20-[(3aR,4S,6aR)-2-oxohexahydro-1H-thieno[3,4-d]imidazol-4-yl]-6,9,12-trioxa-3,15-diazaicosan-1-yl}-1,3-benzothiazol-3-ium
5 water water
#
_entity_poly.entity_id   1
_entity_poly.type   'polyribonucleotide'
_entity_poly.pdbx_seq_one_letter_code
;GCGUACGAAGGUGAGGAGAGGCGAGGAAGAGUACGC
;
_entity_poly.pdbx_strand_id   A,B,C
#